data_7ZZ0
#
_entry.id   7ZZ0
#
_cell.length_a   1.00
_cell.length_b   1.00
_cell.length_c   1.00
_cell.angle_alpha   90.00
_cell.angle_beta   90.00
_cell.angle_gamma   90.00
#
_symmetry.space_group_name_H-M   'P 1'
#
loop_
_entity.id
_entity.type
_entity.pdbx_description
1 polymer 'Pyruvate carboxylase'
2 non-polymer 'MAGNESIUM ION'
3 non-polymer 'MANGANESE (II) ION'
4 water water
#
_entity_poly.entity_id   1
_entity_poly.type   'polypeptide(L)'
_entity_poly.pdbx_seq_one_letter_code
;VPRGSHMKKLLVANRGEIAVRVFRACNELGLSTVAVYAREDEYSVHRFKADESYLIGQGKKPIDAYLDIDDIIRVALESG
ADAIHPGYGLLSENLEFATKVRAAGLVFVGPELHHLDIFGDKIKAKAAADEAKVPGIPGTNGAVDIDGALEFAKTYGYPV
MIKAALGGGGRGMRVARNDAEMHDGYARAKSEAIGAFGSGEIYVEKYIENPKHIEVQILGDRHGNIIHLHERDCSVQRRN
QKVIEIAPAVGLSPDFRNEICEAAVKLCKNVGYVNAGTVEFLVKDDKFYFIEVNPRVQVEHTITELITGVDIVQAQILIA
QGKDLHREIGLPAQSEIPLLGSAIQCRITTEDPQNGFLPDTGKIDTYRSPGGFGIRLDVGNAYAGYEVTPYFDSLLVKVC
TFANEFSDSVRKMDRVLHEFRIRGVKTNIPFLINVIANENFTSGQATTTFIDNTPSLFNFPRLRDRGTKTLHYLSMITVN
GFPGIENTEKRHFEEPRQPLLNLEKKKTAKNILDEQGADAVVDYVKNTKEVLLTDTTLRDAHQSLLATRLRLQDMKGIAQ
AIDQGLPELFSAEMWGGATFDVAYRFLNESPWYRLRKLRKLMPNTMFQMLFRGSNAVGYQNYPDNVIEEFIRVAAHEGID
VFRIFDSLNWLPQMEKSIQAVRDNGKIAEATICYTGDILDPSRPKYNIQYYKDLAKELEATGAHILAV(KCX)DMAGLLK
PQAAYRLISELKDTVDLPIHLHTHDTSGNGIITYSGATQAGVDIIDVATASLAGGTSQPSMQSIYYALEHGPRHASINVK
NAEQIDHYWEDVRKYYAPFEAGITSPQTEVYMHEMPGGQYTNLKSQAAAVGLGHRFDEIKQMYRKVNMMFGDIIKVTPSS
KVVGDMALFMIQNDLTEEDVYARGNELNFPESVVSFFRGDLGQPVGGFPEKLQKIIVKDKAVITDRPGLHAEKVDFETVK
ADLEQKIGYEPGDHEVISYIMYPQVFLDYQKMQREFGAVTLLDTPTFLHGMRLNEKIEVQIEKGKTLSIRLDEIGEPDLA
GNRVLFFNLNGQRREVVINDQSVQAQVVAKRKAETGNPNQIGATMPGSVLEILVKAGDKVQKGQALMVTEAMKMETTIEA
PFDGEIVDLHVVKGEAIQTQDLLIEIN
;
_entity_poly.pdbx_strand_id   A
#
# COMPACT_ATOMS: atom_id res chain seq x y z
N ARG A 466 -33.44 3.83 -9.03
CA ARG A 466 -32.17 3.30 -9.53
C ARG A 466 -31.89 3.77 -10.95
N GLY A 467 -32.91 3.66 -11.81
CA GLY A 467 -32.75 4.13 -13.17
C GLY A 467 -32.61 5.63 -13.25
N THR A 468 -33.41 6.36 -12.47
CA THR A 468 -33.34 7.82 -12.44
C THR A 468 -31.97 8.30 -11.99
N LYS A 469 -31.40 7.64 -10.97
CA LYS A 469 -30.05 7.94 -10.53
C LYS A 469 -29.04 7.65 -11.63
N THR A 470 -29.28 6.59 -12.41
CA THR A 470 -28.36 6.21 -13.48
C THR A 470 -28.32 7.25 -14.58
N LEU A 471 -29.49 7.67 -15.09
CA LEU A 471 -29.48 8.71 -16.11
C LEU A 471 -29.06 10.06 -15.53
N HIS A 472 -29.26 10.28 -14.23
CA HIS A 472 -28.77 11.49 -13.60
C HIS A 472 -27.25 11.55 -13.66
N TYR A 473 -26.58 10.45 -13.27
CA TYR A 473 -25.13 10.39 -13.34
C TYR A 473 -24.64 10.46 -14.77
N LEU A 474 -25.33 9.78 -15.70
CA LEU A 474 -24.91 9.79 -17.09
C LEU A 474 -25.00 11.19 -17.69
N SER A 475 -26.09 11.91 -17.42
CA SER A 475 -26.22 13.29 -17.90
C SER A 475 -25.18 14.19 -17.26
N MET A 476 -24.91 14.00 -15.96
CA MET A 476 -23.94 14.84 -15.27
C MET A 476 -22.54 14.67 -15.85
N ILE A 477 -22.14 13.42 -16.10
CA ILE A 477 -20.81 13.17 -16.69
C ILE A 477 -20.78 13.62 -18.15
N THR A 478 -21.89 13.42 -18.88
CA THR A 478 -21.93 13.80 -20.28
C THR A 478 -21.80 15.31 -20.47
N VAL A 479 -22.46 16.09 -19.62
CA VAL A 479 -22.46 17.54 -19.76
C VAL A 479 -21.25 18.17 -19.08
N ASN A 480 -21.05 17.90 -17.80
CA ASN A 480 -20.03 18.60 -17.02
C ASN A 480 -18.70 17.88 -16.97
N GLY A 481 -18.59 16.67 -17.52
CA GLY A 481 -17.34 15.94 -17.51
C GLY A 481 -17.08 15.29 -16.17
N PHE A 482 -16.00 14.51 -16.14
CA PHE A 482 -15.59 13.84 -14.92
C PHE A 482 -14.67 14.75 -14.12
N PRO A 483 -14.85 14.84 -12.80
CA PRO A 483 -14.01 15.73 -11.99
C PRO A 483 -12.56 15.29 -11.99
N GLY A 484 -11.66 16.26 -12.15
CA GLY A 484 -10.24 16.01 -12.06
C GLY A 484 -9.56 15.57 -13.34
N ILE A 485 -10.31 15.29 -14.40
CA ILE A 485 -9.73 14.92 -15.68
C ILE A 485 -10.25 15.88 -16.74
N GLU A 486 -9.53 15.97 -17.86
CA GLU A 486 -9.95 16.82 -18.96
C GLU A 486 -11.19 16.26 -19.62
N ASN A 487 -12.12 17.15 -19.96
CA ASN A 487 -13.34 16.73 -20.63
C ASN A 487 -13.02 16.29 -22.06
N THR A 488 -13.38 15.06 -22.39
CA THR A 488 -12.96 14.43 -23.63
C THR A 488 -14.07 13.49 -24.08
N GLU A 489 -14.34 13.49 -25.38
CA GLU A 489 -15.37 12.63 -25.94
C GLU A 489 -15.00 11.16 -25.76
N LYS A 490 -16.03 10.32 -25.64
CA LYS A 490 -15.81 8.92 -25.32
C LYS A 490 -15.29 8.17 -26.54
N ARG A 491 -14.10 7.60 -26.41
CA ARG A 491 -13.56 6.75 -27.46
C ARG A 491 -14.27 5.41 -27.47
N HIS A 492 -14.29 4.79 -28.64
CA HIS A 492 -14.85 3.45 -28.77
C HIS A 492 -13.77 2.42 -28.45
N PHE A 493 -14.07 1.54 -27.50
CA PHE A 493 -13.15 0.50 -27.09
C PHE A 493 -13.70 -0.86 -27.51
N GLU A 494 -12.79 -1.74 -27.93
CA GLU A 494 -13.18 -3.12 -28.15
C GLU A 494 -13.39 -3.82 -26.82
N GLU A 495 -14.08 -4.95 -26.86
CA GLU A 495 -14.25 -5.76 -25.67
C GLU A 495 -12.90 -6.32 -25.23
N PRO A 496 -12.58 -6.24 -23.94
CA PRO A 496 -11.30 -6.79 -23.48
C PRO A 496 -11.24 -8.30 -23.68
N ARG A 497 -10.06 -8.79 -24.02
CA ARG A 497 -9.89 -10.18 -24.40
C ARG A 497 -10.07 -11.10 -23.20
N GLN A 498 -10.90 -12.12 -23.37
CA GLN A 498 -11.09 -13.10 -22.31
C GLN A 498 -10.07 -14.20 -22.44
N PRO A 499 -9.42 -14.59 -21.34
CA PRO A 499 -8.30 -15.54 -21.44
C PRO A 499 -8.77 -16.95 -21.76
N LEU A 500 -7.92 -17.67 -22.50
CA LEU A 500 -8.09 -19.09 -22.74
C LEU A 500 -7.15 -19.82 -21.78
N LEU A 501 -7.71 -20.45 -20.76
CA LEU A 501 -6.94 -20.98 -19.65
C LEU A 501 -6.91 -22.50 -19.70
N ASN A 502 -5.73 -23.07 -19.49
CA ASN A 502 -5.59 -24.50 -19.24
C ASN A 502 -5.61 -24.71 -17.73
N LEU A 503 -6.74 -25.19 -17.21
CA LEU A 503 -7.00 -25.20 -15.78
C LEU A 503 -6.46 -26.47 -15.14
N GLU A 504 -5.84 -26.31 -13.98
CA GLU A 504 -5.42 -27.42 -13.13
C GLU A 504 -6.00 -27.21 -11.74
N LYS A 505 -6.44 -28.28 -11.11
CA LYS A 505 -7.06 -28.22 -9.80
C LYS A 505 -6.02 -28.55 -8.73
N LYS A 506 -5.57 -27.53 -8.01
CA LYS A 506 -4.58 -27.70 -6.96
C LYS A 506 -5.12 -27.16 -5.66
N LYS A 507 -4.56 -27.64 -4.55
CA LYS A 507 -4.90 -27.13 -3.23
C LYS A 507 -4.10 -25.87 -2.95
N THR A 508 -4.79 -24.74 -2.92
CA THR A 508 -4.15 -23.45 -2.70
C THR A 508 -3.86 -23.23 -1.22
N ALA A 509 -3.19 -22.12 -0.92
CA ALA A 509 -2.94 -21.74 0.46
C ALA A 509 -4.24 -21.36 1.16
N LYS A 510 -5.23 -20.89 0.39
CA LYS A 510 -6.52 -20.54 0.96
C LYS A 510 -7.25 -21.77 1.50
N ASN A 511 -7.16 -22.89 0.78
CA ASN A 511 -7.75 -24.12 1.26
C ASN A 511 -7.07 -24.60 2.53
N ILE A 512 -5.75 -24.46 2.61
CA ILE A 512 -5.01 -24.84 3.80
C ILE A 512 -5.40 -23.96 4.98
N LEU A 513 -5.57 -22.66 4.73
CA LEU A 513 -5.97 -21.73 5.80
C LEU A 513 -7.39 -22.03 6.28
N ASP A 514 -8.31 -22.31 5.35
CA ASP A 514 -9.68 -22.60 5.73
C ASP A 514 -9.79 -23.92 6.48
N GLU A 515 -9.02 -24.93 6.06
CA GLU A 515 -9.15 -26.25 6.66
C GLU A 515 -8.30 -26.42 7.91
N GLN A 516 -7.01 -26.09 7.85
CA GLN A 516 -6.09 -26.44 8.90
C GLN A 516 -5.49 -25.25 9.65
N GLY A 517 -5.62 -24.03 9.15
CA GLY A 517 -5.20 -22.86 9.90
C GLY A 517 -3.97 -22.18 9.34
N ALA A 518 -3.55 -21.14 10.07
CA ALA A 518 -2.46 -20.29 9.59
C ALA A 518 -1.11 -20.95 9.76
N ASP A 519 -0.92 -21.73 10.83
CA ASP A 519 0.34 -22.41 11.05
C ASP A 519 0.58 -23.47 9.98
N ALA A 520 -0.49 -24.11 9.51
CA ALA A 520 -0.36 -25.05 8.39
C ALA A 520 0.01 -24.33 7.10
N VAL A 521 -0.48 -23.09 6.92
CA VAL A 521 -0.07 -22.28 5.78
C VAL A 521 1.42 -21.95 5.88
N VAL A 522 1.89 -21.63 7.08
CA VAL A 522 3.31 -21.36 7.29
C VAL A 522 4.15 -22.59 6.99
N ASP A 523 3.70 -23.75 7.44
CA ASP A 523 4.40 -25.00 7.14
C ASP A 523 4.42 -25.30 5.65
N TYR A 524 3.30 -25.02 4.96
CA TYR A 524 3.23 -25.24 3.52
C TYR A 524 4.18 -24.31 2.78
N VAL A 525 4.28 -23.05 3.23
CA VAL A 525 5.22 -22.11 2.62
C VAL A 525 6.66 -22.54 2.88
N LYS A 526 6.94 -23.03 4.09
CA LYS A 526 8.27 -23.50 4.42
C LYS A 526 8.66 -24.72 3.60
N ASN A 527 7.70 -25.62 3.35
CA ASN A 527 8.00 -26.84 2.61
C ASN A 527 8.02 -26.63 1.10
N THR A 528 7.60 -25.47 0.62
CA THR A 528 7.62 -25.18 -0.81
C THR A 528 9.03 -24.78 -1.21
N LYS A 529 9.68 -25.61 -2.03
CA LYS A 529 11.03 -25.30 -2.49
C LYS A 529 11.01 -24.14 -3.48
N GLU A 530 9.96 -24.04 -4.28
CA GLU A 530 9.83 -22.97 -5.24
C GLU A 530 9.53 -21.65 -4.54
N VAL A 531 9.79 -20.54 -5.23
CA VAL A 531 9.45 -19.23 -4.68
C VAL A 531 8.00 -18.92 -5.00
N LEU A 532 7.23 -18.59 -3.97
CA LEU A 532 5.83 -18.28 -4.16
C LEU A 532 5.65 -16.83 -4.61
N LEU A 533 4.52 -16.56 -5.26
CA LEU A 533 4.25 -15.24 -5.79
C LEU A 533 2.96 -14.70 -5.21
N THR A 534 2.97 -13.41 -4.87
CA THR A 534 1.78 -12.68 -4.46
C THR A 534 1.47 -11.64 -5.52
N ASP A 535 0.27 -11.70 -6.08
CA ASP A 535 -0.13 -10.77 -7.13
C ASP A 535 -0.59 -9.46 -6.53
N THR A 536 0.11 -8.38 -6.86
CA THR A 536 -0.24 -7.04 -6.41
C THR A 536 -0.95 -6.24 -7.48
N THR A 537 -1.56 -6.91 -8.46
CA THR A 537 -2.26 -6.20 -9.53
C THR A 537 -3.46 -5.43 -9.00
N LEU A 538 -4.19 -6.03 -8.07
CA LEU A 538 -5.44 -5.44 -7.59
C LEU A 538 -5.22 -4.33 -6.57
N ARG A 539 -4.03 -4.19 -5.99
CA ARG A 539 -3.80 -3.05 -5.10
C ARG A 539 -2.67 -2.16 -5.61
N ASP A 540 -1.45 -2.68 -5.64
CA ASP A 540 -0.28 -1.81 -5.68
C ASP A 540 0.11 -1.46 -7.11
N ALA A 541 -0.17 -2.36 -8.05
CA ALA A 541 0.16 -2.10 -9.45
C ALA A 541 -0.65 -0.92 -9.99
N HIS A 542 -1.93 -0.85 -9.61
CA HIS A 542 -2.76 0.26 -10.08
C HIS A 542 -2.69 1.44 -9.12
N GLN A 543 -2.23 1.23 -7.89
CA GLN A 543 -1.91 2.37 -7.03
C GLN A 543 -0.71 3.13 -7.57
N SER A 544 0.31 2.41 -8.04
CA SER A 544 1.52 3.06 -8.53
C SER A 544 1.31 3.69 -9.90
N LEU A 545 0.60 3.01 -10.79
CA LEU A 545 0.53 3.42 -12.19
C LEU A 545 -0.74 4.19 -12.55
N LEU A 546 -1.88 3.85 -11.96
CA LEU A 546 -3.16 4.42 -12.39
C LEU A 546 -3.79 5.28 -11.32
N ALA A 547 -3.00 5.78 -10.35
CA ALA A 547 -3.46 6.61 -9.24
C ALA A 547 -4.59 5.94 -8.45
N THR A 548 -4.47 4.62 -8.27
CA THR A 548 -5.40 3.78 -7.51
C THR A 548 -6.83 3.84 -8.06
N ARG A 549 -6.99 4.15 -9.33
CA ARG A 549 -8.31 4.39 -9.91
C ARG A 549 -8.95 3.15 -10.52
N LEU A 550 -8.34 1.98 -10.36
CA LEU A 550 -8.90 0.77 -10.95
C LEU A 550 -10.22 0.41 -10.30
N ARG A 551 -11.26 0.26 -11.12
CA ARG A 551 -12.61 0.08 -10.65
C ARG A 551 -12.94 -1.41 -10.50
N LEU A 552 -13.97 -1.67 -9.70
CA LEU A 552 -14.34 -3.05 -9.37
C LEU A 552 -14.85 -3.80 -10.60
N GLN A 553 -15.42 -3.10 -11.57
CA GLN A 553 -15.93 -3.74 -12.78
C GLN A 553 -14.81 -4.41 -13.57
N ASP A 554 -13.68 -3.71 -13.71
CA ASP A 554 -12.55 -4.27 -14.44
C ASP A 554 -11.91 -5.43 -13.68
N MET A 555 -11.91 -5.35 -12.34
CA MET A 555 -11.42 -6.47 -11.55
C MET A 555 -12.32 -7.69 -11.68
N LYS A 556 -13.64 -7.50 -11.61
CA LYS A 556 -14.55 -8.63 -11.60
C LYS A 556 -14.70 -9.23 -12.98
N GLY A 557 -14.27 -8.52 -14.02
CA GLY A 557 -14.19 -9.14 -15.33
C GLY A 557 -13.18 -10.26 -15.42
N ILE A 558 -12.21 -10.30 -14.50
CA ILE A 558 -11.08 -11.22 -14.57
C ILE A 558 -10.80 -11.92 -13.24
N ALA A 559 -11.59 -11.65 -12.20
CA ALA A 559 -11.31 -12.23 -10.89
C ALA A 559 -11.42 -13.75 -10.90
N GLN A 560 -12.44 -14.29 -11.57
CA GLN A 560 -12.60 -15.74 -11.66
C GLN A 560 -11.45 -16.36 -12.46
N ALA A 561 -11.02 -15.67 -13.52
CA ALA A 561 -9.91 -16.17 -14.33
C ALA A 561 -8.60 -16.17 -13.54
N ILE A 562 -8.41 -15.18 -12.67
CA ILE A 562 -7.23 -15.16 -11.82
C ILE A 562 -7.31 -16.29 -10.80
N ASP A 563 -8.49 -16.50 -10.21
CA ASP A 563 -8.64 -17.53 -9.19
C ASP A 563 -8.44 -18.93 -9.75
N GLN A 564 -8.92 -19.19 -10.97
CA GLN A 564 -8.83 -20.53 -11.53
C GLN A 564 -7.55 -20.75 -12.34
N GLY A 565 -7.15 -19.78 -13.15
CA GLY A 565 -5.99 -19.97 -14.00
C GLY A 565 -4.67 -19.86 -13.27
N LEU A 566 -4.67 -19.21 -12.10
CA LEU A 566 -3.47 -19.05 -11.29
C LEU A 566 -3.73 -19.52 -9.86
N PRO A 567 -3.88 -20.84 -9.64
CA PRO A 567 -4.05 -21.31 -8.26
C PRO A 567 -2.75 -21.41 -7.48
N GLU A 568 -1.60 -21.27 -8.15
CA GLU A 568 -0.32 -21.39 -7.46
C GLU A 568 0.06 -20.12 -6.72
N LEU A 569 -0.70 -19.04 -6.86
CA LEU A 569 -0.41 -17.81 -6.16
C LEU A 569 -0.57 -18.00 -4.66
N PHE A 570 0.38 -17.45 -3.90
CA PHE A 570 0.26 -17.49 -2.44
C PHE A 570 -0.92 -16.65 -1.97
N SER A 571 -1.03 -15.43 -2.47
CA SER A 571 -2.13 -14.54 -2.11
C SER A 571 -2.26 -13.48 -3.20
N ALA A 572 -3.34 -12.71 -3.12
CA ALA A 572 -3.55 -11.57 -3.99
C ALA A 572 -3.75 -10.33 -3.13
N GLU A 573 -2.90 -9.33 -3.33
CA GLU A 573 -3.02 -8.07 -2.61
C GLU A 573 -4.08 -7.24 -3.32
N MET A 574 -5.23 -7.05 -2.66
CA MET A 574 -6.35 -6.34 -3.27
C MET A 574 -6.93 -5.26 -2.39
N TRP A 575 -6.44 -5.10 -1.17
CA TRP A 575 -7.05 -4.19 -0.21
C TRP A 575 -5.96 -3.44 0.54
N GLY A 576 -6.38 -2.38 1.22
CA GLY A 576 -5.46 -1.58 2.00
C GLY A 576 -4.73 -0.56 1.16
N GLY A 577 -3.82 0.16 1.82
CA GLY A 577 -3.09 1.22 1.17
C GLY A 577 -4.02 2.38 0.85
N ALA A 578 -3.92 2.88 -0.39
CA ALA A 578 -4.75 3.99 -0.81
C ALA A 578 -6.11 3.56 -1.34
N THR A 579 -6.35 2.25 -1.52
CA THR A 579 -7.58 1.78 -2.15
C THR A 579 -8.81 2.15 -1.32
N PHE A 580 -8.71 2.01 0.00
CA PHE A 580 -9.87 2.23 0.87
C PHE A 580 -10.36 3.67 0.79
N ASP A 581 -9.45 4.63 0.85
CA ASP A 581 -9.84 6.03 0.76
C ASP A 581 -10.21 6.41 -0.67
N VAL A 582 -9.45 5.91 -1.65
CA VAL A 582 -9.61 6.37 -3.02
C VAL A 582 -10.92 5.86 -3.62
N ALA A 583 -11.31 4.63 -3.31
CA ALA A 583 -12.57 4.08 -3.82
C ALA A 583 -13.75 4.92 -3.38
N TYR A 584 -13.84 5.20 -2.07
CA TYR A 584 -14.89 6.06 -1.53
C TYR A 584 -14.84 7.47 -2.14
N ARG A 585 -13.64 8.07 -2.19
CA ARG A 585 -13.55 9.48 -2.52
C ARG A 585 -13.77 9.74 -4.01
N PHE A 586 -13.15 8.93 -4.87
CA PHE A 586 -13.16 9.15 -6.30
C PHE A 586 -13.97 8.13 -7.08
N LEU A 587 -13.88 6.85 -6.74
CA LEU A 587 -14.59 5.85 -7.52
C LEU A 587 -16.04 5.69 -7.09
N ASN A 588 -16.41 6.28 -5.94
CA ASN A 588 -17.76 6.27 -5.40
C ASN A 588 -18.29 4.84 -5.25
N GLU A 589 -17.42 3.94 -4.82
CA GLU A 589 -17.78 2.56 -4.54
C GLU A 589 -17.21 2.16 -3.20
N SER A 590 -17.94 1.31 -2.48
CA SER A 590 -17.47 0.87 -1.17
C SER A 590 -16.34 -0.13 -1.34
N PRO A 591 -15.21 0.07 -0.65
CA PRO A 591 -14.18 -0.98 -0.63
C PRO A 591 -14.65 -2.28 -0.01
N TRP A 592 -15.59 -2.21 0.94
CA TRP A 592 -16.18 -3.43 1.49
C TRP A 592 -16.98 -4.17 0.43
N TYR A 593 -17.71 -3.43 -0.42
CA TYR A 593 -18.43 -4.04 -1.52
C TYR A 593 -17.48 -4.71 -2.51
N ARG A 594 -16.36 -4.04 -2.81
CA ARG A 594 -15.34 -4.64 -3.68
C ARG A 594 -14.77 -5.91 -3.06
N LEU A 595 -14.50 -5.88 -1.76
CA LEU A 595 -13.98 -7.06 -1.06
C LEU A 595 -14.98 -8.21 -1.11
N ARG A 596 -16.27 -7.92 -0.92
CA ARG A 596 -17.29 -8.95 -0.95
C ARG A 596 -17.42 -9.57 -2.34
N LYS A 597 -17.46 -8.73 -3.37
CA LYS A 597 -17.59 -9.25 -4.74
C LYS A 597 -16.37 -10.07 -5.14
N LEU A 598 -15.17 -9.59 -4.79
CA LEU A 598 -13.95 -10.33 -5.13
C LEU A 598 -13.85 -11.62 -4.33
N ARG A 599 -14.34 -11.62 -3.08
CA ARG A 599 -14.31 -12.84 -2.28
C ARG A 599 -15.27 -13.88 -2.84
N LYS A 600 -16.44 -13.45 -3.30
CA LYS A 600 -17.37 -14.38 -3.93
C LYS A 600 -16.80 -14.90 -5.25
N LEU A 601 -16.11 -14.05 -6.02
CA LEU A 601 -15.57 -14.50 -7.30
C LEU A 601 -14.31 -15.34 -7.15
N MET A 602 -13.55 -15.16 -6.07
CA MET A 602 -12.29 -15.88 -5.85
C MET A 602 -12.30 -16.62 -4.52
N PRO A 603 -12.96 -17.77 -4.45
CA PRO A 603 -13.04 -18.49 -3.17
C PRO A 603 -11.75 -19.18 -2.78
N ASN A 604 -10.85 -19.43 -3.71
CA ASN A 604 -9.63 -20.19 -3.44
C ASN A 604 -8.37 -19.36 -3.53
N THR A 605 -8.47 -18.04 -3.37
CA THR A 605 -7.31 -17.15 -3.38
C THR A 605 -7.27 -16.41 -2.06
N MET A 606 -6.12 -16.47 -1.38
CA MET A 606 -5.95 -15.67 -0.18
C MET A 606 -5.90 -14.19 -0.53
N PHE A 607 -6.56 -13.39 0.30
CA PHE A 607 -6.70 -11.96 0.07
C PHE A 607 -5.74 -11.23 1.00
N GLN A 608 -4.73 -10.59 0.42
CA GLN A 608 -3.79 -9.81 1.20
C GLN A 608 -4.23 -8.36 1.26
N MET A 609 -4.01 -7.75 2.42
CA MET A 609 -4.31 -6.34 2.61
C MET A 609 -3.11 -5.66 3.25
N LEU A 610 -2.88 -4.41 2.88
CA LEU A 610 -1.82 -3.61 3.46
C LEU A 610 -2.40 -2.86 4.65
N PHE A 611 -1.88 -3.17 5.84
CA PHE A 611 -2.45 -2.69 7.09
C PHE A 611 -1.41 -1.87 7.82
N ARG A 612 -1.73 -0.61 8.12
CA ARG A 612 -0.89 0.18 9.01
C ARG A 612 -1.24 -0.20 10.44
N GLY A 613 -0.20 -0.46 11.25
CA GLY A 613 -0.43 -1.09 12.54
C GLY A 613 -1.20 -0.22 13.52
N SER A 614 -1.02 1.09 13.42
CA SER A 614 -1.64 1.98 14.40
C SER A 614 -2.93 2.59 13.88
N ASN A 615 -3.03 2.82 12.57
CA ASN A 615 -4.13 3.58 11.99
C ASN A 615 -5.00 2.79 11.03
N ALA A 616 -4.75 1.48 10.87
CA ALA A 616 -5.49 0.58 9.98
C ALA A 616 -5.37 1.13 8.56
N VAL A 617 -6.46 1.56 7.92
CA VAL A 617 -6.38 2.20 6.62
C VAL A 617 -6.49 3.73 6.72
N GLY A 618 -6.92 4.26 7.85
CA GLY A 618 -7.08 5.69 7.98
C GLY A 618 -5.79 6.40 8.31
N TYR A 619 -5.93 7.71 8.59
CA TYR A 619 -4.79 8.53 8.94
C TYR A 619 -4.92 9.18 10.31
N GLN A 620 -6.12 9.20 10.88
CA GLN A 620 -6.30 9.82 12.19
C GLN A 620 -5.80 8.90 13.29
N ASN A 621 -5.79 9.43 14.51
CA ASN A 621 -5.43 8.64 15.68
C ASN A 621 -6.64 7.86 16.16
N TYR A 622 -6.46 6.56 16.35
CA TYR A 622 -7.57 5.68 16.70
C TYR A 622 -7.22 4.89 17.94
N PRO A 623 -8.21 4.56 18.77
CA PRO A 623 -7.95 3.68 19.92
C PRO A 623 -7.73 2.25 19.47
N ASP A 624 -7.29 1.43 20.43
CA ASP A 624 -6.93 0.04 20.13
C ASP A 624 -8.17 -0.79 19.79
N ASN A 625 -9.30 -0.50 20.43
CA ASN A 625 -10.51 -1.26 20.17
C ASN A 625 -11.03 -1.00 18.76
N VAL A 626 -10.80 0.20 18.24
CA VAL A 626 -11.20 0.52 16.87
C VAL A 626 -10.38 -0.29 15.87
N ILE A 627 -9.07 -0.40 16.11
CA ILE A 627 -8.20 -1.19 15.25
C ILE A 627 -8.57 -2.67 15.33
N GLU A 628 -8.87 -3.15 16.54
CA GLU A 628 -9.28 -4.54 16.72
C GLU A 628 -10.60 -4.83 15.99
N GLU A 629 -11.55 -3.89 16.05
CA GLU A 629 -12.81 -4.06 15.35
C GLU A 629 -12.61 -4.05 13.85
N PHE A 630 -11.73 -3.17 13.34
CA PHE A 630 -11.43 -3.17 11.92
C PHE A 630 -10.82 -4.49 11.49
N ILE A 631 -9.92 -5.04 12.30
CA ILE A 631 -9.29 -6.33 11.99
C ILE A 631 -10.33 -7.44 11.98
N ARG A 632 -11.23 -7.43 12.97
CA ARG A 632 -12.27 -8.46 13.06
C ARG A 632 -13.22 -8.41 11.86
N VAL A 633 -13.67 -7.20 11.50
CA VAL A 633 -14.60 -7.06 10.39
C VAL A 633 -13.93 -7.38 9.06
N ALA A 634 -12.67 -6.97 8.89
CA ALA A 634 -11.95 -7.27 7.66
C ALA A 634 -11.68 -8.76 7.51
N ALA A 635 -11.36 -9.44 8.63
CA ALA A 635 -11.17 -10.88 8.59
C ALA A 635 -12.47 -11.61 8.30
N HIS A 636 -13.57 -11.11 8.86
CA HIS A 636 -14.89 -11.71 8.61
C HIS A 636 -15.29 -11.54 7.15
N GLU A 637 -15.00 -10.38 6.56
CA GLU A 637 -15.43 -10.13 5.18
C GLU A 637 -14.52 -10.77 4.15
N GLY A 638 -13.35 -11.29 4.54
CA GLY A 638 -12.58 -12.09 3.62
C GLY A 638 -11.10 -11.78 3.49
N ILE A 639 -10.56 -10.91 4.35
CA ILE A 639 -9.12 -10.68 4.33
C ILE A 639 -8.43 -11.84 5.04
N ASP A 640 -7.46 -12.44 4.36
CA ASP A 640 -6.75 -13.60 4.87
C ASP A 640 -5.36 -13.28 5.39
N VAL A 641 -4.62 -12.40 4.71
CA VAL A 641 -3.29 -12.00 5.12
C VAL A 641 -3.31 -10.51 5.42
N PHE A 642 -2.88 -10.15 6.61
CA PHE A 642 -2.75 -8.76 7.02
C PHE A 642 -1.27 -8.41 7.05
N ARG A 643 -0.82 -7.65 6.06
CA ARG A 643 0.56 -7.15 6.05
C ARG A 643 0.60 -5.94 6.95
N ILE A 644 1.09 -6.13 8.17
CA ILE A 644 1.08 -5.10 9.20
C ILE A 644 2.43 -4.41 9.23
N PHE A 645 2.43 -3.11 8.96
CA PHE A 645 3.66 -2.33 8.94
C PHE A 645 3.47 -1.06 9.75
N ASP A 646 4.60 -0.49 10.18
CA ASP A 646 4.63 0.80 10.83
C ASP A 646 5.51 1.74 10.01
N SER A 647 5.12 3.02 9.98
CA SER A 647 5.83 3.99 9.16
C SER A 647 7.25 4.24 9.65
N LEU A 648 7.48 4.11 10.96
CA LEU A 648 8.80 4.30 11.53
C LEU A 648 9.43 3.00 12.01
N ASN A 649 8.86 1.86 11.60
CA ASN A 649 9.28 0.51 12.04
C ASN A 649 9.27 0.39 13.56
N TRP A 650 8.27 0.99 14.21
CA TRP A 650 8.17 0.96 15.67
C TRP A 650 7.33 -0.23 16.08
N LEU A 651 7.90 -1.09 16.91
CA LEU A 651 7.23 -2.30 17.36
C LEU A 651 5.92 -2.11 18.12
N PRO A 652 5.76 -1.15 19.06
CA PRO A 652 4.47 -1.04 19.77
C PRO A 652 3.27 -0.74 18.88
N GLN A 653 3.48 -0.06 17.76
CA GLN A 653 2.36 0.21 16.85
C GLN A 653 1.90 -1.06 16.16
N MET A 654 2.79 -2.04 16.00
CA MET A 654 2.45 -3.26 15.28
C MET A 654 2.04 -4.42 16.19
N GLU A 655 2.40 -4.36 17.48
CA GLU A 655 2.18 -5.50 18.37
C GLU A 655 0.69 -5.83 18.53
N LYS A 656 -0.13 -4.82 18.81
CA LYS A 656 -1.55 -5.06 19.06
C LYS A 656 -2.27 -5.53 17.80
N SER A 657 -1.91 -4.96 16.65
CA SER A 657 -2.51 -5.40 15.39
C SER A 657 -2.14 -6.83 15.05
N ILE A 658 -0.87 -7.21 15.30
CA ILE A 658 -0.43 -8.58 15.06
C ILE A 658 -1.19 -9.54 15.97
N GLN A 659 -1.35 -9.17 17.24
CA GLN A 659 -2.09 -10.01 18.17
C GLN A 659 -3.56 -10.14 17.79
N ALA A 660 -4.19 -9.07 17.31
CA ALA A 660 -5.59 -9.14 16.90
C ALA A 660 -5.77 -9.99 15.66
N VAL A 661 -4.84 -9.90 14.71
CA VAL A 661 -4.90 -10.74 13.52
C VAL A 661 -4.72 -12.21 13.90
N ARG A 662 -3.83 -12.49 14.86
CA ARG A 662 -3.69 -13.87 15.35
C ARG A 662 -4.96 -14.34 16.04
N ASP A 663 -5.62 -13.46 16.80
CA ASP A 663 -6.83 -13.85 17.51
C ASP A 663 -7.99 -14.10 16.56
N ASN A 664 -7.99 -13.41 15.41
CA ASN A 664 -9.04 -13.67 14.42
C ASN A 664 -8.76 -14.88 13.56
N GLY A 665 -7.63 -15.54 13.72
CA GLY A 665 -7.33 -16.76 13.00
C GLY A 665 -6.72 -16.57 11.63
N LYS A 666 -6.33 -15.37 11.27
CA LYS A 666 -5.75 -15.11 9.96
C LYS A 666 -4.23 -15.04 10.06
N ILE A 667 -3.58 -14.74 8.95
CA ILE A 667 -2.13 -14.70 8.87
C ILE A 667 -1.65 -13.27 9.12
N ALA A 668 -0.76 -13.11 10.10
CA ALA A 668 -0.20 -11.82 10.44
C ALA A 668 1.19 -11.71 9.81
N GLU A 669 1.37 -10.74 8.92
CA GLU A 669 2.66 -10.47 8.31
C GLU A 669 3.28 -9.26 8.99
N ALA A 670 4.27 -9.51 9.84
CA ALA A 670 5.06 -8.42 10.41
C ALA A 670 6.02 -7.92 9.35
N THR A 671 6.04 -6.62 9.14
CA THR A 671 6.73 -6.01 8.01
C THR A 671 7.86 -5.13 8.49
N ILE A 672 9.01 -5.25 7.85
CA ILE A 672 10.14 -4.34 8.04
C ILE A 672 10.24 -3.48 6.80
N CYS A 673 10.22 -2.16 6.99
CA CYS A 673 10.42 -1.24 5.89
C CYS A 673 11.91 -1.02 5.67
N TYR A 674 12.39 -1.35 4.48
CA TYR A 674 13.80 -1.24 4.16
C TYR A 674 14.12 0.17 3.68
N THR A 675 15.11 0.80 4.30
CA THR A 675 15.57 2.11 3.88
C THR A 675 17.09 2.14 3.93
N GLY A 676 17.66 3.09 3.21
CA GLY A 676 19.11 3.19 3.17
C GLY A 676 19.73 2.05 2.37
N ASP A 677 20.97 1.75 2.73
CA ASP A 677 21.75 0.71 2.07
C ASP A 677 22.55 -0.03 3.13
N ILE A 678 22.31 -1.34 3.27
CA ILE A 678 23.03 -2.13 4.26
C ILE A 678 24.48 -2.32 3.85
N LEU A 679 24.77 -2.23 2.55
CA LEU A 679 26.13 -2.40 2.06
C LEU A 679 26.90 -1.09 2.02
N ASP A 680 26.29 0.02 2.42
CA ASP A 680 26.98 1.31 2.47
C ASP A 680 27.41 1.59 3.90
N PRO A 681 28.71 1.61 4.21
CA PRO A 681 29.13 1.89 5.59
C PRO A 681 28.98 3.35 5.97
N SER A 682 28.73 4.24 5.01
CA SER A 682 28.56 5.65 5.34
C SER A 682 27.25 5.92 6.07
N ARG A 683 26.29 5.01 5.92
CA ARG A 683 25.02 5.12 6.64
C ARG A 683 24.86 3.89 7.53
N PRO A 684 25.41 3.89 8.74
CA PRO A 684 25.32 2.71 9.60
C PRO A 684 24.11 2.68 10.52
N LYS A 685 23.20 3.65 10.40
CA LYS A 685 22.00 3.63 11.24
C LYS A 685 21.11 2.45 10.90
N TYR A 686 20.93 2.17 9.60
CA TYR A 686 20.21 0.99 9.15
C TYR A 686 21.23 0.04 8.55
N ASN A 687 21.88 -0.74 9.40
CA ASN A 687 22.81 -1.78 8.99
C ASN A 687 22.12 -3.12 9.14
N ILE A 688 22.87 -4.19 8.90
CA ILE A 688 22.28 -5.53 8.92
C ILE A 688 21.89 -5.91 10.35
N GLN A 689 22.57 -5.35 11.36
CA GLN A 689 22.25 -5.68 12.74
C GLN A 689 20.90 -5.09 13.15
N TYR A 690 20.58 -3.89 12.65
CA TYR A 690 19.28 -3.29 12.94
C TYR A 690 18.15 -4.16 12.41
N TYR A 691 18.29 -4.64 11.17
CA TYR A 691 17.26 -5.46 10.58
C TYR A 691 17.17 -6.83 11.26
N LYS A 692 18.32 -7.38 11.67
CA LYS A 692 18.31 -8.65 12.39
C LYS A 692 17.61 -8.53 13.74
N ASP A 693 17.89 -7.45 14.48
CA ASP A 693 17.24 -7.24 15.77
C ASP A 693 15.75 -6.97 15.61
N LEU A 694 15.37 -6.20 14.58
CA LEU A 694 13.96 -5.96 14.32
C LEU A 694 13.23 -7.24 13.94
N ALA A 695 13.88 -8.09 13.15
CA ALA A 695 13.29 -9.38 12.78
C ALA A 695 13.13 -10.28 13.99
N LYS A 696 14.11 -10.27 14.90
CA LYS A 696 14.00 -11.04 16.14
C LYS A 696 12.82 -10.55 16.99
N GLU A 697 12.68 -9.23 17.12
CA GLU A 697 11.57 -8.68 17.89
C GLU A 697 10.22 -9.01 17.25
N LEU A 698 10.15 -8.95 15.91
CA LEU A 698 8.91 -9.27 15.22
C LEU A 698 8.59 -10.76 15.32
N GLU A 699 9.61 -11.62 15.36
CA GLU A 699 9.40 -13.04 15.60
C GLU A 699 8.87 -13.27 17.01
N ALA A 700 9.32 -12.45 17.97
CA ALA A 700 8.85 -12.60 19.34
C ALA A 700 7.37 -12.25 19.48
N THR A 701 6.83 -11.45 18.55
CA THR A 701 5.43 -11.04 18.64
C THR A 701 4.49 -12.18 18.28
N GLY A 702 4.99 -13.22 17.63
CA GLY A 702 4.17 -14.33 17.20
C GLY A 702 3.66 -14.23 15.78
N ALA A 703 4.19 -13.31 14.97
CA ALA A 703 3.72 -13.16 13.60
C ALA A 703 4.10 -14.36 12.76
N HIS A 704 3.22 -14.70 11.82
CA HIS A 704 3.41 -15.91 11.04
C HIS A 704 4.51 -15.75 10.00
N ILE A 705 4.53 -14.61 9.30
CA ILE A 705 5.46 -14.38 8.21
C ILE A 705 6.13 -13.03 8.42
N LEU A 706 7.46 -13.01 8.29
CA LEU A 706 8.20 -11.75 8.30
C LEU A 706 8.19 -11.17 6.90
N ALA A 707 7.81 -9.90 6.79
CA ALA A 707 7.71 -9.22 5.51
C ALA A 707 8.77 -8.14 5.41
N VAL A 708 9.28 -7.92 4.21
CA VAL A 708 10.24 -6.85 3.99
C VAL A 708 9.70 -5.93 2.91
N ASP A 710 10.00 -2.85 0.54
CA ASP A 710 10.87 -1.91 -0.13
C ASP A 710 9.99 -0.96 -0.94
N MET A 711 9.58 0.13 -0.28
CA MET A 711 8.53 0.98 -0.82
C MET A 711 9.04 1.85 -1.97
N ALA A 712 10.34 2.10 -2.02
CA ALA A 712 10.92 2.96 -3.04
C ALA A 712 11.83 2.21 -4.00
N GLY A 713 11.92 0.89 -3.89
CA GLY A 713 12.86 0.14 -4.71
C GLY A 713 14.31 0.40 -4.36
N LEU A 714 14.61 0.60 -3.07
CA LEU A 714 15.97 0.89 -2.65
C LEU A 714 16.84 -0.37 -2.55
N LEU A 715 16.23 -1.53 -2.39
CA LEU A 715 17.00 -2.75 -2.15
C LEU A 715 17.71 -3.21 -3.42
N LYS A 716 19.01 -3.12 -3.42
CA LYS A 716 19.90 -3.57 -4.47
C LYS A 716 20.07 -5.09 -4.38
N PRO A 717 20.31 -5.76 -5.52
CA PRO A 717 20.33 -7.23 -5.52
C PRO A 717 21.39 -7.86 -4.62
N GLN A 718 22.59 -7.26 -4.55
CA GLN A 718 23.58 -7.74 -3.61
C GLN A 718 23.12 -7.51 -2.17
N ALA A 719 22.56 -6.34 -1.90
CA ALA A 719 21.96 -6.06 -0.61
C ALA A 719 20.76 -6.96 -0.35
N ALA A 720 20.00 -7.29 -1.40
CA ALA A 720 18.87 -8.20 -1.26
C ALA A 720 19.32 -9.59 -0.82
N TYR A 721 20.37 -10.11 -1.47
CA TYR A 721 20.90 -11.42 -1.11
C TYR A 721 21.44 -11.41 0.32
N ARG A 722 22.22 -10.38 0.67
CA ARG A 722 22.81 -10.30 2.00
C ARG A 722 21.73 -10.18 3.07
N LEU A 723 20.73 -9.32 2.84
CA LEU A 723 19.68 -9.10 3.82
C LEU A 723 18.83 -10.35 4.01
N ILE A 724 18.43 -10.99 2.91
CA ILE A 724 17.55 -12.15 3.03
C ILE A 724 18.29 -13.32 3.68
N SER A 725 19.57 -13.50 3.33
CA SER A 725 20.35 -14.56 3.96
C SER A 725 20.53 -14.31 5.45
N GLU A 726 20.88 -13.07 5.83
CA GLU A 726 21.13 -12.74 7.22
C GLU A 726 19.86 -12.83 8.06
N LEU A 727 18.72 -12.46 7.47
CA LEU A 727 17.45 -12.68 8.15
C LEU A 727 17.12 -14.17 8.21
N LYS A 728 17.65 -14.95 7.26
CA LYS A 728 17.33 -16.36 7.24
C LYS A 728 18.03 -17.12 8.36
N ASP A 729 19.29 -16.79 8.70
CA ASP A 729 19.84 -17.50 9.85
C ASP A 729 19.33 -16.90 11.15
N THR A 730 18.74 -15.71 11.09
CA THR A 730 18.28 -15.04 12.31
C THR A 730 16.96 -15.61 12.80
N VAL A 731 15.94 -15.62 11.95
CA VAL A 731 14.60 -16.06 12.34
C VAL A 731 14.19 -17.24 11.47
N ASP A 732 13.22 -18.00 11.97
CA ASP A 732 12.69 -19.15 11.25
C ASP A 732 11.39 -18.85 10.54
N LEU A 733 10.92 -17.61 10.56
CA LEU A 733 9.71 -17.25 9.84
C LEU A 733 9.98 -17.27 8.34
N PRO A 734 8.97 -17.58 7.52
CA PRO A 734 9.10 -17.34 6.07
C PRO A 734 9.22 -15.85 5.80
N ILE A 735 9.96 -15.52 4.74
CA ILE A 735 10.27 -14.14 4.41
C ILE A 735 9.51 -13.75 3.14
N HIS A 736 8.73 -12.68 3.22
CA HIS A 736 7.99 -12.13 2.11
C HIS A 736 8.63 -10.82 1.70
N LEU A 737 9.10 -10.72 0.45
CA LEU A 737 9.78 -9.53 -0.03
C LEU A 737 8.87 -8.76 -0.97
N HIS A 738 8.73 -7.46 -0.72
CA HIS A 738 7.96 -6.56 -1.55
C HIS A 738 8.85 -5.43 -2.00
N THR A 739 8.96 -5.24 -3.31
CA THR A 739 9.80 -4.18 -3.85
C THR A 739 9.12 -3.55 -5.07
N HIS A 740 9.61 -2.38 -5.44
CA HIS A 740 9.17 -1.69 -6.63
C HIS A 740 10.30 -1.64 -7.65
N ASP A 741 9.92 -1.59 -8.93
CA ASP A 741 10.86 -1.65 -10.04
C ASP A 741 11.28 -0.26 -10.51
N THR A 742 11.30 0.73 -9.61
CA THR A 742 11.55 2.11 -10.00
C THR A 742 12.94 2.29 -10.60
N SER A 743 13.95 1.68 -10.00
CA SER A 743 15.29 1.76 -10.53
C SER A 743 15.51 0.80 -11.70
N GLY A 744 14.54 -0.06 -11.98
CA GLY A 744 14.69 -1.07 -13.01
C GLY A 744 15.40 -2.32 -12.55
N ASN A 745 15.76 -2.41 -11.27
CA ASN A 745 16.51 -3.54 -10.73
C ASN A 745 15.62 -4.50 -9.93
N GLY A 746 14.30 -4.42 -10.09
CA GLY A 746 13.42 -5.24 -9.28
C GLY A 746 13.54 -6.73 -9.58
N ILE A 747 13.71 -7.06 -10.87
CA ILE A 747 13.82 -8.47 -11.28
C ILE A 747 15.08 -9.09 -10.70
N ILE A 748 16.21 -8.39 -10.82
CA ILE A 748 17.47 -8.94 -10.31
C ILE A 748 17.50 -8.91 -8.79
N THR A 749 16.77 -7.97 -8.17
CA THR A 749 16.64 -7.97 -6.71
C THR A 749 15.87 -9.19 -6.24
N TYR A 750 14.76 -9.51 -6.91
CA TYR A 750 13.99 -10.70 -6.57
C TYR A 750 14.79 -11.97 -6.84
N SER A 751 15.59 -11.97 -7.90
CA SER A 751 16.43 -13.13 -8.19
C SER A 751 17.48 -13.33 -7.10
N GLY A 752 18.15 -12.25 -6.68
CA GLY A 752 19.12 -12.36 -5.61
C GLY A 752 18.51 -12.77 -4.29
N ALA A 753 17.28 -12.33 -4.03
CA ALA A 753 16.56 -12.80 -2.85
C ALA A 753 16.19 -14.27 -2.98
N THR A 754 15.93 -14.72 -4.21
CA THR A 754 15.57 -16.12 -4.43
C THR A 754 16.78 -17.03 -4.20
N GLN A 755 17.97 -16.60 -4.60
CA GLN A 755 19.17 -17.39 -4.28
C GLN A 755 19.42 -17.43 -2.79
N ALA A 756 19.08 -16.36 -2.08
CA ALA A 756 19.24 -16.34 -0.63
C ALA A 756 18.19 -17.16 0.09
N GLY A 757 17.09 -17.51 -0.59
CA GLY A 757 16.06 -18.33 -0.03
C GLY A 757 14.80 -17.63 0.41
N VAL A 758 14.41 -16.55 -0.27
CA VAL A 758 13.16 -15.86 0.08
C VAL A 758 11.99 -16.77 -0.26
N ASP A 759 10.90 -16.64 0.48
CA ASP A 759 9.78 -17.54 0.30
C ASP A 759 8.75 -16.98 -0.68
N ILE A 760 8.28 -15.76 -0.44
CA ILE A 760 7.25 -15.15 -1.28
C ILE A 760 7.78 -13.80 -1.75
N ILE A 761 7.49 -13.48 -3.01
CA ILE A 761 7.82 -12.17 -3.58
C ILE A 761 6.57 -11.56 -4.18
N ASP A 762 6.52 -10.23 -4.19
CA ASP A 762 5.35 -9.50 -4.64
C ASP A 762 5.52 -9.11 -6.11
N VAL A 763 4.65 -9.62 -6.97
CA VAL A 763 4.73 -9.38 -8.40
C VAL A 763 3.40 -8.84 -8.90
N ALA A 764 3.45 -8.23 -10.08
CA ALA A 764 2.27 -7.70 -10.74
C ALA A 764 2.20 -8.26 -12.16
N THR A 765 1.02 -8.17 -12.75
CA THR A 765 0.87 -8.58 -14.14
C THR A 765 1.64 -7.64 -15.06
N ALA A 766 2.08 -8.17 -16.21
CA ALA A 766 3.08 -7.49 -17.03
C ALA A 766 2.60 -6.15 -17.55
N SER A 767 1.33 -6.06 -17.94
CA SER A 767 0.80 -4.81 -18.47
C SER A 767 0.65 -3.75 -17.39
N LEU A 768 0.62 -4.15 -16.12
CA LEU A 768 0.58 -3.24 -15.00
C LEU A 768 1.85 -3.30 -14.16
N ALA A 769 2.96 -3.73 -14.74
CA ALA A 769 4.23 -3.86 -14.03
C ALA A 769 5.23 -2.85 -14.56
N GLY A 770 6.37 -2.78 -13.87
CA GLY A 770 7.43 -1.86 -14.24
C GLY A 770 7.16 -0.46 -13.75
N GLY A 771 8.20 0.38 -13.89
CA GLY A 771 8.10 1.74 -13.38
C GLY A 771 7.96 1.74 -11.88
N THR A 772 7.03 2.53 -11.36
CA THR A 772 6.79 2.57 -9.92
C THR A 772 6.10 1.32 -9.40
N SER A 773 5.63 0.44 -10.28
CA SER A 773 4.90 -0.75 -9.88
C SER A 773 5.85 -1.90 -9.56
N GLN A 774 5.27 -3.08 -9.32
CA GLN A 774 6.04 -4.26 -8.97
C GLN A 774 6.71 -4.85 -10.21
N PRO A 775 7.72 -5.70 -10.02
CA PRO A 775 8.25 -6.48 -11.15
C PRO A 775 7.22 -7.46 -11.71
N SER A 776 7.38 -7.76 -13.00
CA SER A 776 6.38 -8.56 -13.69
C SER A 776 6.45 -10.03 -13.30
N MET A 777 5.28 -10.65 -13.19
CA MET A 777 5.20 -12.05 -12.78
C MET A 777 5.68 -12.99 -13.88
N GLN A 778 5.33 -12.69 -15.13
CA GLN A 778 5.81 -13.50 -16.25
C GLN A 778 7.31 -13.40 -16.41
N SER A 779 7.86 -12.19 -16.27
CA SER A 779 9.29 -12.00 -16.43
C SER A 779 10.07 -12.62 -15.28
N ILE A 780 9.50 -12.63 -14.07
CA ILE A 780 10.20 -13.27 -12.96
C ILE A 780 10.05 -14.79 -13.06
N TYR A 781 9.03 -15.27 -13.76
CA TYR A 781 9.01 -16.69 -14.09
C TYR A 781 10.13 -17.04 -15.06
N TYR A 782 10.27 -16.26 -16.13
CA TYR A 782 11.26 -16.59 -17.15
C TYR A 782 12.67 -16.29 -16.68
N ALA A 783 12.81 -15.47 -15.65
CA ALA A 783 14.14 -15.18 -15.10
C ALA A 783 14.66 -16.36 -14.29
N LEU A 784 13.77 -17.11 -13.65
CA LEU A 784 14.14 -18.23 -12.80
C LEU A 784 13.72 -19.58 -13.39
N GLU A 785 13.58 -19.68 -14.71
CA GLU A 785 12.98 -20.87 -15.30
C GLU A 785 13.89 -22.08 -15.21
N HIS A 786 15.19 -21.90 -15.41
CA HIS A 786 16.14 -23.01 -15.38
C HIS A 786 17.15 -22.89 -14.24
N GLY A 787 16.86 -22.08 -13.23
CA GLY A 787 17.73 -21.96 -12.09
C GLY A 787 17.44 -23.04 -11.05
N PRO A 788 18.14 -22.98 -9.91
CA PRO A 788 17.85 -23.94 -8.84
C PRO A 788 16.45 -23.80 -8.26
N ARG A 789 15.89 -22.60 -8.26
CA ARG A 789 14.55 -22.35 -7.77
C ARG A 789 13.71 -21.74 -8.89
N HIS A 790 12.51 -22.28 -9.08
CA HIS A 790 11.59 -21.77 -10.09
C HIS A 790 10.46 -21.01 -9.42
N ALA A 791 9.79 -20.17 -10.20
CA ALA A 791 8.60 -19.49 -9.71
C ALA A 791 7.40 -20.40 -9.82
N SER A 792 6.54 -20.38 -8.80
CA SER A 792 5.35 -21.23 -8.77
C SER A 792 4.20 -20.47 -9.41
N ILE A 793 4.04 -20.64 -10.72
CA ILE A 793 2.97 -19.98 -11.47
C ILE A 793 2.74 -20.74 -12.76
N ASN A 794 1.54 -20.59 -13.32
CA ASN A 794 1.24 -21.02 -14.68
C ASN A 794 1.43 -19.80 -15.57
N VAL A 795 2.52 -19.77 -16.34
CA VAL A 795 2.89 -18.55 -17.03
C VAL A 795 2.03 -18.33 -18.27
N LYS A 796 1.49 -19.42 -18.85
CA LYS A 796 0.61 -19.28 -20.01
C LYS A 796 -0.71 -18.64 -19.59
N ASN A 797 -1.28 -19.10 -18.48
CA ASN A 797 -2.48 -18.49 -17.94
C ASN A 797 -2.23 -17.06 -17.52
N ALA A 798 -1.03 -16.78 -16.98
CA ALA A 798 -0.68 -15.42 -16.58
C ALA A 798 -0.62 -14.48 -17.78
N GLU A 799 -0.05 -14.94 -18.89
CA GLU A 799 -0.01 -14.12 -20.10
C GLU A 799 -1.41 -13.91 -20.67
N GLN A 800 -2.25 -14.95 -20.61
CA GLN A 800 -3.62 -14.83 -21.08
C GLN A 800 -4.41 -13.81 -20.25
N ILE A 801 -4.17 -13.79 -18.94
CA ILE A 801 -4.80 -12.79 -18.07
C ILE A 801 -4.23 -11.40 -18.34
N ASP A 802 -2.93 -11.32 -18.62
CA ASP A 802 -2.29 -10.04 -18.89
C ASP A 802 -2.81 -9.39 -20.16
N HIS A 803 -3.29 -10.20 -21.11
CA HIS A 803 -3.97 -9.63 -22.28
C HIS A 803 -5.19 -8.80 -21.87
N TYR A 804 -6.03 -9.36 -20.99
CA TYR A 804 -7.18 -8.63 -20.47
C TYR A 804 -6.73 -7.40 -19.71
N TRP A 805 -5.67 -7.53 -18.91
CA TRP A 805 -5.24 -6.41 -18.09
C TRP A 805 -4.72 -5.26 -18.95
N GLU A 806 -4.06 -5.57 -20.06
CA GLU A 806 -3.66 -4.53 -21.02
C GLU A 806 -4.88 -3.86 -21.65
N ASP A 807 -5.87 -4.67 -22.04
CA ASP A 807 -7.06 -4.12 -22.68
C ASP A 807 -7.83 -3.19 -21.75
N VAL A 808 -7.88 -3.52 -20.46
CA VAL A 808 -8.62 -2.65 -19.54
C VAL A 808 -7.72 -1.54 -19.02
N ARG A 809 -6.39 -1.68 -19.13
CA ARG A 809 -5.52 -0.57 -18.82
C ARG A 809 -5.64 0.53 -19.87
N LYS A 810 -6.05 0.16 -21.08
CA LYS A 810 -6.35 1.18 -22.09
C LYS A 810 -7.48 2.12 -21.67
N TYR A 811 -8.35 1.68 -20.75
CA TYR A 811 -9.45 2.54 -20.29
C TYR A 811 -8.96 3.72 -19.48
N TYR A 812 -7.86 3.56 -18.73
CA TYR A 812 -7.43 4.53 -17.74
C TYR A 812 -6.39 5.50 -18.26
N ALA A 813 -6.50 5.89 -19.53
CA ALA A 813 -5.62 6.91 -20.09
C ALA A 813 -5.59 8.25 -19.34
N PRO A 814 -6.71 8.81 -18.82
CA PRO A 814 -6.59 10.08 -18.09
C PRO A 814 -5.75 10.01 -16.82
N PHE A 815 -5.57 8.83 -16.24
CA PHE A 815 -4.81 8.69 -15.01
C PHE A 815 -3.39 8.18 -15.22
N GLU A 816 -2.95 8.06 -16.47
CA GLU A 816 -1.58 7.61 -16.73
C GLU A 816 -0.57 8.69 -16.37
N ALA A 817 0.56 8.26 -15.80
CA ALA A 817 1.60 9.19 -15.40
C ALA A 817 2.32 9.78 -16.60
N GLY A 818 2.52 8.98 -17.65
CA GLY A 818 3.20 9.41 -18.85
C GLY A 818 4.25 8.42 -19.26
N ILE A 819 5.22 8.90 -20.05
CA ILE A 819 6.32 8.05 -20.47
C ILE A 819 7.23 7.80 -19.28
N THR A 820 7.48 6.52 -18.99
CA THR A 820 8.20 6.11 -17.80
C THR A 820 9.50 5.41 -18.22
N SER A 821 10.59 5.80 -17.59
CA SER A 821 11.91 5.20 -17.77
C SER A 821 12.44 4.81 -16.41
N PRO A 822 13.34 3.83 -16.34
CA PRO A 822 13.95 3.49 -15.05
C PRO A 822 14.78 4.64 -14.50
N GLN A 823 14.59 4.90 -13.21
CA GLN A 823 15.20 6.06 -12.56
C GLN A 823 16.00 5.60 -11.36
N THR A 824 17.31 5.76 -11.42
CA THR A 824 18.20 5.46 -10.31
C THR A 824 18.38 6.63 -9.37
N GLU A 825 17.69 7.75 -9.61
CA GLU A 825 17.74 8.87 -8.68
C GLU A 825 16.97 8.55 -7.40
N VAL A 826 16.17 7.49 -7.40
CA VAL A 826 15.49 7.05 -6.19
C VAL A 826 16.48 6.52 -5.17
N TYR A 827 17.70 6.15 -5.61
CA TYR A 827 18.75 5.80 -4.67
C TYR A 827 19.25 7.02 -3.91
N MET A 828 18.95 8.22 -4.43
CA MET A 828 19.43 9.45 -3.79
C MET A 828 18.36 10.03 -2.88
N HIS A 829 17.16 10.30 -3.40
CA HIS A 829 16.15 10.97 -2.60
C HIS A 829 15.23 10.02 -1.84
N GLU A 830 15.16 8.74 -2.26
CA GLU A 830 14.43 7.69 -1.55
C GLU A 830 12.95 7.99 -1.37
N MET A 831 12.37 8.71 -2.33
CA MET A 831 10.94 9.02 -2.28
C MET A 831 10.15 7.87 -2.87
N PRO A 832 9.10 7.39 -2.20
CA PRO A 832 8.19 6.44 -2.85
C PRO A 832 7.44 7.10 -3.99
N GLY A 833 6.91 6.26 -4.89
CA GLY A 833 6.29 6.79 -6.10
C GLY A 833 5.06 7.64 -5.83
N GLY A 834 4.27 7.25 -4.82
CA GLY A 834 3.14 8.07 -4.43
C GLY A 834 3.57 9.43 -3.88
N GLN A 835 4.59 9.42 -3.02
CA GLN A 835 5.15 10.68 -2.53
C GLN A 835 5.77 11.48 -3.66
N TYR A 836 6.37 10.81 -4.64
CA TYR A 836 6.95 11.49 -5.79
C TYR A 836 5.88 12.22 -6.59
N THR A 837 4.79 11.53 -6.91
CA THR A 837 3.69 12.14 -7.67
C THR A 837 3.04 13.27 -6.88
N ASN A 838 2.82 13.05 -5.58
CA ASN A 838 2.18 14.07 -4.76
C ASN A 838 3.05 15.31 -4.63
N LEU A 839 4.36 15.13 -4.46
CA LEU A 839 5.26 16.28 -4.33
C LEU A 839 5.40 17.00 -5.66
N LYS A 840 5.39 16.27 -6.77
CA LYS A 840 5.43 16.92 -8.08
C LYS A 840 4.18 17.76 -8.32
N SER A 841 3.01 17.23 -7.96
CA SER A 841 1.77 17.98 -8.11
C SER A 841 1.74 19.19 -7.17
N GLN A 842 2.25 19.03 -5.94
CA GLN A 842 2.30 20.14 -5.00
C GLN A 842 3.23 21.24 -5.48
N ALA A 843 4.38 20.87 -6.04
CA ALA A 843 5.30 21.85 -6.58
C ALA A 843 4.72 22.55 -7.80
N ALA A 844 3.94 21.82 -8.62
CA ALA A 844 3.28 22.44 -9.76
C ALA A 844 2.20 23.40 -9.31
N ALA A 845 1.50 23.08 -8.22
CA ALA A 845 0.40 23.92 -7.75
C ALA A 845 0.91 25.26 -7.22
N VAL A 846 2.04 25.24 -6.52
CA VAL A 846 2.56 26.45 -5.88
C VAL A 846 3.53 27.22 -6.77
N GLY A 847 3.71 26.81 -8.01
CA GLY A 847 4.56 27.54 -8.92
C GLY A 847 6.04 27.26 -8.79
N LEU A 848 6.41 26.13 -8.19
CA LEU A 848 7.80 25.69 -8.10
C LEU A 848 8.03 24.38 -8.85
N GLY A 849 7.25 24.11 -9.89
CA GLY A 849 7.39 22.85 -10.61
C GLY A 849 8.65 22.80 -11.47
N HIS A 850 9.21 23.97 -11.78
CA HIS A 850 10.45 24.00 -12.57
C HIS A 850 11.68 23.72 -11.71
N ARG A 851 11.52 23.71 -10.39
CA ARG A 851 12.62 23.46 -9.48
C ARG A 851 12.52 22.09 -8.79
N PHE A 852 12.01 21.08 -9.50
CA PHE A 852 11.75 19.80 -8.86
C PHE A 852 13.03 19.02 -8.56
N ASP A 853 14.08 19.22 -9.36
CA ASP A 853 15.36 18.58 -9.05
C ASP A 853 15.94 19.10 -7.75
N GLU A 854 15.88 20.43 -7.56
CA GLU A 854 16.30 21.03 -6.31
C GLU A 854 15.36 20.63 -5.16
N ILE A 855 14.08 20.42 -5.46
CA ILE A 855 13.15 19.91 -4.44
C ILE A 855 13.55 18.50 -4.00
N LYS A 856 13.97 17.65 -4.95
CA LYS A 856 14.40 16.30 -4.60
C LYS A 856 15.70 16.32 -3.80
N GLN A 857 16.63 17.19 -4.18
CA GLN A 857 17.85 17.38 -3.38
C GLN A 857 17.51 17.83 -1.97
N MET A 858 16.55 18.75 -1.86
CA MET A 858 16.15 19.25 -0.55
C MET A 858 15.41 18.17 0.24
N TYR A 859 14.72 17.27 -0.45
CA TYR A 859 14.08 16.12 0.20
C TYR A 859 15.14 15.22 0.83
N ARG A 860 16.21 14.93 0.09
CA ARG A 860 17.30 14.13 0.64
C ARG A 860 17.96 14.84 1.82
N LYS A 861 18.17 16.15 1.69
CA LYS A 861 18.81 16.91 2.77
C LYS A 861 17.91 16.98 4.00
N VAL A 862 16.60 17.10 3.80
CA VAL A 862 15.65 17.13 4.91
C VAL A 862 15.61 15.77 5.61
N ASN A 863 15.66 14.68 4.83
CA ASN A 863 15.71 13.35 5.41
C ASN A 863 16.95 13.16 6.27
N MET A 864 18.09 13.67 5.79
CA MET A 864 19.30 13.60 6.61
C MET A 864 19.21 14.52 7.83
N MET A 865 18.56 15.68 7.69
CA MET A 865 18.43 16.62 8.79
C MET A 865 17.54 16.08 9.90
N PHE A 866 16.47 15.36 9.53
CA PHE A 866 15.57 14.78 10.52
C PHE A 866 16.17 13.58 11.23
N GLY A 867 17.33 13.11 10.81
CA GLY A 867 17.98 11.98 11.41
C GLY A 867 17.86 10.67 10.65
N ASP A 868 17.68 10.72 9.33
CA ASP A 868 17.55 9.55 8.46
C ASP A 868 16.37 8.67 8.90
N ILE A 869 15.16 9.21 8.73
CA ILE A 869 13.96 8.49 9.12
C ILE A 869 13.53 7.56 7.98
N ILE A 870 12.63 6.62 8.32
CA ILE A 870 12.04 5.75 7.31
C ILE A 870 10.92 6.50 6.61
N LYS A 871 11.00 6.56 5.28
CA LYS A 871 10.10 7.39 4.48
C LYS A 871 9.07 6.51 3.78
N VAL A 872 7.88 6.42 4.38
CA VAL A 872 6.71 5.82 3.75
C VAL A 872 5.53 6.63 4.25
N THR A 873 4.36 6.42 3.66
CA THR A 873 3.17 7.14 4.11
C THR A 873 2.84 6.75 5.54
N PRO A 874 2.61 7.72 6.43
CA PRO A 874 2.65 9.18 6.21
C PRO A 874 3.99 9.86 6.56
N SER A 875 5.06 9.12 6.86
CA SER A 875 6.31 9.78 7.24
C SER A 875 7.01 10.41 6.04
N SER A 876 6.78 9.87 4.85
CA SER A 876 7.35 10.47 3.64
C SER A 876 6.69 11.82 3.33
N LYS A 877 5.41 11.95 3.71
CA LYS A 877 4.71 13.22 3.52
C LYS A 877 5.30 14.31 4.40
N VAL A 878 5.80 13.94 5.59
CA VAL A 878 6.44 14.90 6.48
C VAL A 878 7.69 15.47 5.82
N VAL A 879 8.53 14.60 5.26
CA VAL A 879 9.76 15.03 4.61
C VAL A 879 9.45 15.85 3.36
N GLY A 880 8.42 15.44 2.60
CA GLY A 880 8.03 16.20 1.42
C GLY A 880 7.51 17.58 1.75
N ASP A 881 6.68 17.69 2.79
CA ASP A 881 6.17 18.98 3.22
C ASP A 881 7.28 19.88 3.72
N MET A 882 8.22 19.32 4.48
CA MET A 882 9.38 20.09 4.92
C MET A 882 10.22 20.57 3.75
N ALA A 883 10.46 19.71 2.76
CA ALA A 883 11.25 20.10 1.59
C ALA A 883 10.57 21.19 0.79
N LEU A 884 9.25 21.07 0.60
CA LEU A 884 8.51 22.10 -0.12
C LEU A 884 8.50 23.42 0.62
N PHE A 885 8.36 23.37 1.95
CA PHE A 885 8.36 24.60 2.74
C PHE A 885 9.73 25.27 2.74
N MET A 886 10.79 24.46 2.77
CA MET A 886 12.15 24.99 2.70
C MET A 886 12.44 25.61 1.34
N ILE A 887 11.96 24.98 0.27
CA ILE A 887 12.16 25.54 -1.07
C ILE A 887 11.35 26.83 -1.23
N GLN A 888 10.14 26.86 -0.68
CA GLN A 888 9.26 28.01 -0.80
C GLN A 888 9.84 29.24 -0.12
N ASN A 889 10.40 29.08 1.08
CA ASN A 889 10.86 30.19 1.89
C ASN A 889 12.36 30.42 1.78
N ASP A 890 13.05 29.67 0.91
CA ASP A 890 14.50 29.80 0.67
C ASP A 890 15.30 29.63 1.95
N LEU A 891 15.17 28.46 2.56
CA LEU A 891 15.83 28.15 3.83
C LEU A 891 16.84 27.03 3.62
N THR A 892 17.98 27.14 4.28
CA THR A 892 18.92 26.04 4.38
C THR A 892 18.86 25.44 5.78
N GLU A 893 19.70 24.42 5.99
CA GLU A 893 19.78 23.76 7.29
C GLU A 893 20.24 24.73 8.37
N GLU A 894 21.23 25.57 8.06
CA GLU A 894 21.69 26.59 8.98
C GLU A 894 20.60 27.63 9.23
N ASP A 895 19.84 27.99 8.18
CA ASP A 895 18.75 28.93 8.34
C ASP A 895 17.63 28.41 9.23
N VAL A 896 17.31 27.12 9.15
CA VAL A 896 16.32 26.55 10.05
C VAL A 896 16.87 26.48 11.47
N TYR A 897 18.14 26.11 11.63
CA TYR A 897 18.70 26.01 12.97
C TYR A 897 18.90 27.38 13.61
N ALA A 898 18.94 28.44 12.80
CA ALA A 898 19.10 29.78 13.35
C ALA A 898 17.75 30.47 13.56
N ARG A 899 16.97 30.60 12.49
CA ARG A 899 15.72 31.37 12.52
C ARG A 899 14.48 30.50 12.66
N GLY A 900 14.62 29.29 13.21
CA GLY A 900 13.47 28.39 13.26
C GLY A 900 12.45 28.81 14.31
N ASN A 901 12.85 29.65 15.26
CA ASN A 901 11.93 30.15 16.27
C ASN A 901 10.86 31.04 15.64
N GLU A 902 11.24 31.86 14.68
CA GLU A 902 10.27 32.71 13.99
C GLU A 902 9.51 31.93 12.93
N LEU A 903 10.03 30.77 12.53
CA LEU A 903 9.44 30.00 11.44
C LEU A 903 8.21 29.23 11.90
N ASN A 904 7.22 29.15 11.03
CA ASN A 904 6.04 28.33 11.25
C ASN A 904 6.12 27.12 10.35
N PHE A 905 6.56 26.00 10.90
CA PHE A 905 6.76 24.78 10.14
C PHE A 905 5.43 24.16 9.76
N PRO A 906 5.39 23.34 8.70
CA PRO A 906 4.13 22.68 8.32
C PRO A 906 3.63 21.74 9.40
N GLU A 907 2.31 21.57 9.44
CA GLU A 907 1.66 20.87 10.54
C GLU A 907 2.02 19.39 10.56
N SER A 908 2.32 18.82 9.40
CA SER A 908 2.76 17.43 9.36
C SER A 908 4.12 17.26 10.01
N VAL A 909 5.03 18.22 9.80
CA VAL A 909 6.34 18.19 10.44
C VAL A 909 6.18 18.39 11.95
N VAL A 910 5.31 19.33 12.34
CA VAL A 910 5.04 19.57 13.76
C VAL A 910 4.43 18.34 14.40
N SER A 911 3.48 17.70 13.73
CA SER A 911 2.85 16.49 14.27
C SER A 911 3.86 15.35 14.38
N PHE A 912 4.76 15.23 13.42
CA PHE A 912 5.79 14.21 13.48
C PHE A 912 6.73 14.45 14.65
N PHE A 913 7.11 15.70 14.88
CA PHE A 913 8.06 15.98 15.95
C PHE A 913 7.38 16.01 17.32
N ARG A 914 6.05 16.07 17.35
CA ARG A 914 5.32 15.90 18.60
C ARG A 914 5.21 14.45 19.02
N GLY A 915 5.53 13.51 18.14
CA GLY A 915 5.37 12.10 18.42
C GLY A 915 4.05 11.50 17.98
N ASP A 916 3.29 12.20 17.13
CA ASP A 916 2.00 11.67 16.69
C ASP A 916 2.16 10.52 15.71
N LEU A 917 3.30 10.47 15.02
CA LEU A 917 3.60 9.35 14.14
C LEU A 917 4.28 8.19 14.85
N GLY A 918 4.61 8.35 16.12
CA GLY A 918 5.36 7.37 16.87
C GLY A 918 6.79 7.84 17.12
N GLN A 919 7.61 6.91 17.56
CA GLN A 919 9.00 7.23 17.84
C GLN A 919 9.90 6.67 16.75
N PRO A 920 10.72 7.50 16.11
CA PRO A 920 11.64 6.99 15.09
C PRO A 920 12.81 6.27 15.72
N VAL A 921 13.61 5.64 14.86
CA VAL A 921 14.79 4.92 15.32
C VAL A 921 15.83 5.91 15.79
N GLY A 922 16.31 5.72 17.02
CA GLY A 922 17.29 6.61 17.60
C GLY A 922 16.74 7.91 18.14
N GLY A 923 15.44 8.13 18.07
CA GLY A 923 14.84 9.34 18.58
C GLY A 923 15.03 10.53 17.64
N PHE A 924 14.42 11.64 18.03
CA PHE A 924 14.53 12.87 17.26
C PHE A 924 15.85 13.57 17.57
N PRO A 925 16.34 14.40 16.66
CA PRO A 925 17.36 15.37 17.03
C PRO A 925 16.78 16.37 18.02
N GLU A 926 17.50 16.58 19.13
CA GLU A 926 16.92 17.29 20.26
C GLU A 926 16.75 18.78 19.96
N LYS A 927 17.75 19.40 19.32
CA LYS A 927 17.65 20.81 19.00
C LYS A 927 16.57 21.09 17.97
N LEU A 928 16.49 20.25 16.93
CA LEU A 928 15.51 20.44 15.88
C LEU A 928 14.09 20.24 16.40
N GLN A 929 13.92 19.35 17.38
CA GLN A 929 12.60 19.14 17.97
C GLN A 929 12.12 20.38 18.71
N LYS A 930 12.99 20.95 19.55
CA LYS A 930 12.61 22.17 20.27
C LYS A 930 12.42 23.35 19.33
N ILE A 931 13.13 23.34 18.20
CA ILE A 931 12.94 24.39 17.21
C ILE A 931 11.57 24.24 16.53
N ILE A 932 11.21 23.02 16.16
CA ILE A 932 10.02 22.81 15.34
C ILE A 932 8.76 22.92 16.20
N VAL A 933 8.72 22.26 17.35
CA VAL A 933 7.57 22.38 18.26
C VAL A 933 7.98 23.38 19.33
N LYS A 934 7.19 24.44 19.44
CA LYS A 934 7.59 25.55 20.32
C LYS A 934 7.03 25.36 21.72
N ASP A 935 5.71 25.31 21.85
CA ASP A 935 5.06 25.10 23.12
C ASP A 935 4.15 23.88 23.16
N LYS A 936 4.00 23.17 22.05
CA LYS A 936 3.11 22.02 22.00
C LYS A 936 3.71 20.85 22.79
N ALA A 937 2.83 20.04 23.35
CA ALA A 937 3.26 18.89 24.14
C ALA A 937 3.83 17.80 23.23
N VAL A 938 4.85 17.12 23.73
CA VAL A 938 5.50 16.02 23.01
C VAL A 938 5.26 14.74 23.77
N ILE A 939 4.72 13.74 23.09
CA ILE A 939 4.49 12.43 23.68
C ILE A 939 5.66 11.52 23.31
N THR A 940 5.93 10.54 24.16
CA THR A 940 7.02 9.60 23.94
C THR A 940 6.53 8.15 23.86
N ASP A 941 5.22 7.95 23.88
CA ASP A 941 4.62 6.63 23.81
C ASP A 941 3.63 6.58 22.65
N ARG A 942 2.85 5.52 22.62
CA ARG A 942 1.92 5.29 21.53
C ARG A 942 0.84 6.37 21.50
N PRO A 943 0.60 7.02 20.36
CA PRO A 943 -0.50 7.98 20.27
C PRO A 943 -1.87 7.35 20.44
N GLY A 944 -1.99 6.03 20.23
CA GLY A 944 -3.26 5.37 20.42
C GLY A 944 -3.66 5.27 21.88
N LEU A 945 -2.69 5.35 22.80
CA LEU A 945 -3.02 5.40 24.21
C LEU A 945 -3.71 6.70 24.59
N HIS A 946 -3.42 7.78 23.89
CA HIS A 946 -4.04 9.07 24.13
C HIS A 946 -5.21 9.35 23.18
N ALA A 947 -5.63 8.35 22.41
CA ALA A 947 -6.74 8.54 21.48
C ALA A 947 -8.05 8.68 22.25
N GLU A 948 -8.94 9.54 21.75
CA GLU A 948 -10.23 9.74 22.38
C GLU A 948 -11.09 8.48 22.21
N LYS A 949 -11.78 8.09 23.27
CA LYS A 949 -12.50 6.82 23.31
C LYS A 949 -13.66 6.84 22.32
N VAL A 950 -13.83 5.71 21.61
CA VAL A 950 -14.90 5.53 20.63
C VAL A 950 -15.79 4.41 21.11
N ASP A 951 -17.08 4.69 21.22
CA ASP A 951 -18.09 3.70 21.58
C ASP A 951 -18.87 3.34 20.32
N PHE A 952 -18.91 2.05 20.00
CA PHE A 952 -19.45 1.62 18.71
C PHE A 952 -20.98 1.74 18.68
N GLU A 953 -21.63 1.60 19.83
CA GLU A 953 -23.08 1.77 19.88
C GLU A 953 -23.48 3.21 19.60
N THR A 954 -22.77 4.16 20.22
CA THR A 954 -23.05 5.57 20.02
C THR A 954 -22.77 5.99 18.58
N VAL A 955 -21.66 5.52 18.02
CA VAL A 955 -21.31 5.82 16.62
C VAL A 955 -22.33 5.20 15.68
N LYS A 956 -22.77 3.97 15.98
CA LYS A 956 -23.78 3.32 15.15
C LYS A 956 -25.10 4.08 15.17
N ALA A 957 -25.52 4.53 16.35
CA ALA A 957 -26.75 5.32 16.44
C ALA A 957 -26.64 6.64 15.70
N ASP A 958 -25.50 7.33 15.84
CA ASP A 958 -25.31 8.61 15.15
C ASP A 958 -25.27 8.42 13.65
N LEU A 959 -24.65 7.34 13.17
CA LEU A 959 -24.63 7.06 11.73
C LEU A 959 -26.02 6.69 11.24
N GLU A 960 -26.80 5.99 12.07
CA GLU A 960 -28.18 5.69 11.71
C GLU A 960 -29.02 6.96 11.66
N GLN A 961 -28.63 7.99 12.42
CA GLN A 961 -29.28 9.28 12.28
C GLN A 961 -28.86 9.97 10.98
N LYS A 962 -27.56 9.92 10.66
CA LYS A 962 -27.06 10.72 9.54
C LYS A 962 -27.44 10.12 8.19
N ILE A 963 -27.33 8.80 8.04
CA ILE A 963 -27.75 8.11 6.82
C ILE A 963 -29.10 7.46 7.11
N GLY A 964 -29.87 7.19 6.05
CA GLY A 964 -31.25 6.82 6.25
C GLY A 964 -31.54 5.36 6.50
N TYR A 965 -30.62 4.64 7.14
CA TYR A 965 -30.82 3.21 7.39
C TYR A 965 -29.87 2.77 8.49
N GLU A 966 -30.08 1.54 8.95
CA GLU A 966 -29.21 0.97 9.97
C GLU A 966 -27.90 0.52 9.36
N PRO A 967 -26.75 1.04 9.80
CA PRO A 967 -25.49 0.66 9.19
C PRO A 967 -25.00 -0.70 9.69
N GLY A 968 -24.22 -1.36 8.85
CA GLY A 968 -23.55 -2.58 9.27
C GLY A 968 -22.29 -2.27 10.06
N ASP A 969 -21.62 -3.34 10.50
CA ASP A 969 -20.37 -3.18 11.22
C ASP A 969 -19.29 -2.55 10.34
N HIS A 970 -19.24 -2.96 9.07
CA HIS A 970 -18.27 -2.41 8.14
C HIS A 970 -18.55 -0.93 7.87
N GLU A 971 -19.82 -0.54 7.83
CA GLU A 971 -20.17 0.85 7.60
C GLU A 971 -19.82 1.73 8.80
N VAL A 972 -20.03 1.22 10.01
CA VAL A 972 -19.64 1.94 11.22
C VAL A 972 -18.13 2.10 11.26
N ILE A 973 -17.40 1.03 10.96
CA ILE A 973 -15.94 1.09 11.00
C ILE A 973 -15.41 1.99 9.88
N SER A 974 -16.13 2.08 8.76
CA SER A 974 -15.73 3.00 7.70
C SER A 974 -16.00 4.45 8.10
N TYR A 975 -17.09 4.68 8.82
CA TYR A 975 -17.39 6.01 9.33
C TYR A 975 -16.36 6.46 10.35
N ILE A 976 -15.83 5.52 11.14
CA ILE A 976 -14.82 5.88 12.14
C ILE A 976 -13.50 6.26 11.47
N MET A 977 -13.06 5.47 10.49
CA MET A 977 -11.83 5.79 9.77
C MET A 977 -11.96 7.09 9.00
N TYR A 978 -13.02 7.24 8.20
CA TYR A 978 -13.17 8.38 7.30
C TYR A 978 -14.55 8.98 7.53
N PRO A 979 -14.66 9.93 8.48
CA PRO A 979 -16.00 10.49 8.78
C PRO A 979 -16.60 11.29 7.64
N GLN A 980 -15.88 12.29 7.10
CA GLN A 980 -16.44 13.12 6.05
C GLN A 980 -16.50 12.37 4.73
N VAL A 981 -15.52 11.50 4.46
CA VAL A 981 -15.45 10.80 3.19
C VAL A 981 -16.61 9.80 3.06
N PHE A 982 -16.93 9.10 4.15
CA PHE A 982 -18.05 8.16 4.12
C PHE A 982 -19.38 8.88 3.95
N LEU A 983 -19.55 10.04 4.59
CA LEU A 983 -20.78 10.80 4.43
C LEU A 983 -20.92 11.35 3.02
N ASP A 984 -19.81 11.80 2.43
CA ASP A 984 -19.84 12.25 1.04
C ASP A 984 -20.17 11.09 0.10
N TYR A 985 -19.63 9.91 0.40
CA TYR A 985 -19.95 8.72 -0.39
C TYR A 985 -21.43 8.37 -0.27
N GLN A 986 -21.99 8.48 0.93
CA GLN A 986 -23.42 8.20 1.11
C GLN A 986 -24.29 9.22 0.38
N LYS A 987 -23.88 10.50 0.39
CA LYS A 987 -24.61 11.51 -0.36
C LYS A 987 -24.55 11.25 -1.85
N MET A 988 -23.37 10.86 -2.36
CA MET A 988 -23.25 10.54 -3.77
C MET A 988 -24.01 9.26 -4.12
N GLN A 989 -24.15 8.35 -3.16
CA GLN A 989 -24.94 7.15 -3.38
C GLN A 989 -26.43 7.48 -3.44
N ARG A 990 -26.87 8.43 -2.62
CA ARG A 990 -28.27 8.85 -2.67
C ARG A 990 -28.56 9.63 -3.94
N GLU A 991 -27.57 10.34 -4.46
CA GLU A 991 -27.80 11.16 -5.65
C GLU A 991 -27.67 10.34 -6.94
N PHE A 992 -26.60 9.55 -7.06
CA PHE A 992 -26.26 8.89 -8.31
C PHE A 992 -26.39 7.38 -8.28
N GLY A 993 -26.69 6.78 -7.14
CA GLY A 993 -26.82 5.34 -7.10
C GLY A 993 -25.47 4.63 -7.16
N ALA A 994 -25.54 3.34 -7.49
CA ALA A 994 -24.36 2.48 -7.54
C ALA A 994 -23.70 2.63 -8.90
N VAL A 995 -22.82 3.63 -9.00
CA VAL A 995 -22.09 3.87 -10.24
C VAL A 995 -20.97 2.87 -10.47
N THR A 996 -20.73 1.96 -9.54
CA THR A 996 -19.72 0.93 -9.73
C THR A 996 -20.15 -0.08 -10.79
N LEU A 997 -21.45 -0.15 -11.08
CA LEU A 997 -21.94 -1.11 -12.05
C LEU A 997 -21.68 -0.64 -13.48
N LEU A 998 -21.39 0.64 -13.66
CA LEU A 998 -21.07 1.15 -14.99
C LEU A 998 -19.69 0.70 -15.44
N ASP A 999 -19.54 0.53 -16.75
CA ASP A 999 -18.22 0.25 -17.30
C ASP A 999 -17.36 1.51 -17.26
N THR A 1000 -16.04 1.30 -17.25
CA THR A 1000 -15.11 2.39 -17.01
C THR A 1000 -15.15 3.51 -18.06
N PRO A 1001 -15.18 3.26 -19.38
CA PRO A 1001 -15.37 4.41 -20.31
C PRO A 1001 -16.68 5.15 -20.10
N THR A 1002 -17.76 4.44 -19.77
CA THR A 1002 -19.02 5.10 -19.46
C THR A 1002 -18.94 5.83 -18.13
N PHE A 1003 -18.21 5.26 -17.17
CA PHE A 1003 -18.06 5.89 -15.86
C PHE A 1003 -17.28 7.19 -15.96
N LEU A 1004 -16.30 7.24 -16.85
CA LEU A 1004 -15.44 8.42 -16.94
C LEU A 1004 -15.94 9.44 -17.96
N HIS A 1005 -16.59 9.02 -19.04
CA HIS A 1005 -16.94 9.92 -20.12
C HIS A 1005 -18.43 10.05 -20.38
N GLY A 1006 -19.25 9.17 -19.80
CA GLY A 1006 -20.70 9.28 -19.94
C GLY A 1006 -21.22 9.00 -21.33
#